data_2P1G
#
_entry.id   2P1G
#
_cell.length_a   51.645
_cell.length_b   65.830
_cell.length_c   74.061
_cell.angle_alpha   90.000
_cell.angle_beta   103.840
_cell.angle_gamma   90.000
#
_symmetry.space_group_name_H-M   'P 1 21 1'
#
loop_
_entity.id
_entity.type
_entity.pdbx_description
1 polymer 'Putative xylanase'
2 water water
#
_entity_poly.entity_id   1
_entity_poly.type   'polypeptide(L)'
_entity_poly.pdbx_seq_one_letter_code
;MSLQESSLVLSNGLGFVDTPYKAGTLEVDDTEDLIINCDEVDCTTFVEYALAMALCPQQGDEMQEGDFARNLQRIRYRDG
KIDGYTSRLHYISDWINNAVRQGLLEDVTAAYSPFKQKLSLSYMSTHPELYKSLKNSPENVAQMAKYEKALSGKEVHYLP
KDKLEPDGLPWIKNGDIIALTTNTPGLDVSHMGIAIYIKGQLHLLHASSKEGKVVVGKTALSQMLKDRKSLTGIRVLRMK
KEGHHHHHH
;
_entity_poly.pdbx_strand_id   A,B
#
# COMPACT_ATOMS: atom_id res chain seq x y z
N VAL A 9 8.88 12.04 24.52
CA VAL A 9 9.96 11.51 25.40
C VAL A 9 9.79 10.02 25.62
N LEU A 10 10.90 9.37 25.97
CA LEU A 10 10.94 7.94 26.09
C LEU A 10 9.95 7.42 27.12
N SER A 11 9.89 8.04 28.31
CA SER A 11 8.98 7.53 29.35
C SER A 11 7.52 7.58 28.90
N ASN A 12 7.11 8.68 28.27
CA ASN A 12 5.75 8.73 27.74
C ASN A 12 5.51 7.76 26.59
N GLY A 13 6.48 7.67 25.69
CA GLY A 13 6.41 6.75 24.57
C GLY A 13 6.27 5.31 25.01
N LEU A 14 7.03 4.92 26.05
CA LEU A 14 7.06 3.54 26.48
C LEU A 14 5.73 3.08 27.04
N GLY A 15 4.93 4.03 27.53
CA GLY A 15 3.59 3.72 28.03
C GLY A 15 2.64 3.23 26.94
N PHE A 16 3.04 3.39 25.68
CA PHE A 16 2.23 2.97 24.56
C PHE A 16 2.58 1.58 24.06
N VAL A 17 3.58 0.94 24.65
CA VAL A 17 4.02 -0.36 24.12
C VAL A 17 2.83 -1.33 24.08
N ASP A 18 2.64 -1.98 22.93
CA ASP A 18 1.58 -2.95 22.68
C ASP A 18 0.24 -2.34 22.27
N THR A 19 0.15 -1.01 22.25
CA THR A 19 -1.03 -0.33 21.70
C THR A 19 -1.17 -0.70 20.23
N PRO A 20 -2.37 -1.15 19.81
CA PRO A 20 -2.56 -1.58 18.43
C PRO A 20 -2.28 -0.47 17.42
N TYR A 21 -1.73 -0.86 16.28
CA TYR A 21 -1.59 0.02 15.14
C TYR A 21 -2.89 0.06 14.34
N LYS A 22 -3.29 1.25 13.92
CA LYS A 22 -4.42 1.40 13.01
C LYS A 22 -4.22 2.65 12.17
N ALA A 23 -4.32 2.52 10.85
CA ALA A 23 -4.18 3.66 9.97
C ALA A 23 -5.53 4.37 9.86
N GLY A 24 -5.49 5.67 9.62
CA GLY A 24 -6.73 6.41 9.38
C GLY A 24 -7.56 6.81 10.58
N THR A 25 -6.98 6.75 11.78
CA THR A 25 -7.71 7.15 12.98
C THR A 25 -8.14 8.61 12.96
N LEU A 26 -7.43 9.43 12.19
CA LEU A 26 -7.76 10.86 12.15
C LEU A 26 -8.76 11.24 11.03
N GLU A 27 -9.20 10.23 10.26
CA GLU A 27 -10.06 10.50 9.11
C GLU A 27 -11.53 10.11 9.33
N VAL A 28 -11.88 9.78 10.56
CA VAL A 28 -13.18 9.15 10.85
C VAL A 28 -14.38 10.10 10.82
N ASP A 29 -14.13 11.40 10.93
CA ASP A 29 -15.22 12.37 11.00
C ASP A 29 -15.33 13.18 9.72
N ASP A 30 -16.51 13.76 9.51
CA ASP A 30 -16.82 14.47 8.28
C ASP A 30 -16.14 15.83 8.18
N THR A 31 -15.93 16.49 9.32
CA THR A 31 -15.25 17.78 9.34
C THR A 31 -13.98 17.61 10.15
N GLU A 32 -12.99 18.43 9.87
CA GLU A 32 -11.71 18.30 10.58
C GLU A 32 -11.79 19.01 11.91
N ASP A 33 -11.51 18.27 12.99
CA ASP A 33 -11.36 18.81 14.33
C ASP A 33 -10.35 17.95 15.06
N LEU A 34 -9.97 18.35 16.27
CA LEU A 34 -8.97 17.60 17.01
C LEU A 34 -9.52 16.24 17.46
N ILE A 35 -8.84 15.17 17.04
CA ILE A 35 -9.16 13.82 17.49
C ILE A 35 -8.06 13.28 18.39
N ILE A 36 -8.42 12.85 19.60
CA ILE A 36 -7.48 12.21 20.51
C ILE A 36 -7.86 10.73 20.59
N ASN A 37 -7.03 9.88 19.98
CA ASN A 37 -7.28 8.45 20.02
C ASN A 37 -5.98 7.75 20.38
N CYS A 38 -5.75 7.60 21.68
CA CYS A 38 -4.52 7.00 22.19
C CYS A 38 -4.59 5.48 22.26
N ASP A 39 -5.75 4.93 21.90
CA ASP A 39 -6.02 3.49 21.92
C ASP A 39 -5.61 2.75 20.63
N GLU A 40 -5.54 3.51 19.53
CA GLU A 40 -5.17 2.99 18.21
C GLU A 40 -4.33 4.07 17.54
N VAL A 41 -3.12 3.73 17.13
CA VAL A 41 -2.20 4.75 16.64
C VAL A 41 -1.54 4.33 15.33
N ASP A 42 -0.99 5.31 14.61
CA ASP A 42 -0.06 5.02 13.51
C ASP A 42 1.32 5.62 13.82
N CYS A 43 2.25 5.54 12.87
CA CYS A 43 3.61 5.94 13.21
C CYS A 43 3.69 7.41 13.66
N THR A 44 2.85 8.25 13.07
CA THR A 44 2.87 9.68 13.34
C THR A 44 2.06 10.03 14.58
N THR A 45 0.85 9.51 14.71
CA THR A 45 0.04 9.91 15.87
C THR A 45 0.70 9.42 17.16
N PHE A 46 1.37 8.27 17.10
CA PHE A 46 2.10 7.79 18.26
C PHE A 46 3.08 8.85 18.74
N VAL A 47 3.94 9.31 17.85
CA VAL A 47 4.94 10.31 18.23
C VAL A 47 4.29 11.61 18.69
N GLU A 48 3.20 12.02 18.03
CA GLU A 48 2.53 13.27 18.42
C GLU A 48 2.01 13.16 19.84
N TYR A 49 1.37 12.03 20.17
CA TYR A 49 0.83 11.89 21.54
C TYR A 49 1.96 11.90 22.56
N ALA A 50 3.01 11.11 22.30
CA ALA A 50 4.18 11.05 23.16
C ALA A 50 4.78 12.46 23.40
N LEU A 51 4.96 13.20 22.32
CA LEU A 51 5.50 14.56 22.39
C LEU A 51 4.57 15.48 23.16
N ALA A 52 3.28 15.41 22.85
CA ALA A 52 2.32 16.32 23.49
C ALA A 52 2.27 16.08 25.00
N MET A 53 2.39 14.82 25.42
CA MET A 53 2.50 14.46 26.83
C MET A 53 3.79 14.98 27.45
N ALA A 54 4.91 14.73 26.79
CA ALA A 54 6.22 15.07 27.31
C ALA A 54 6.42 16.57 27.54
N LEU A 55 5.73 17.39 26.74
CA LEU A 55 5.83 18.85 26.82
C LEU A 55 5.09 19.42 28.01
N CYS A 56 4.18 18.64 28.58
CA CYS A 56 3.36 19.10 29.72
C CYS A 56 4.24 19.38 30.94
N PRO A 57 3.94 20.47 31.67
CA PRO A 57 4.77 20.81 32.82
C PRO A 57 4.65 19.75 33.92
N GLN A 58 3.48 19.11 33.98
CA GLN A 58 3.23 18.02 34.92
C GLN A 58 3.12 16.67 34.20
N GLN A 59 3.52 15.61 34.88
CA GLN A 59 3.64 14.28 34.27
C GLN A 59 2.89 13.20 35.04
N GLU A 62 -0.60 13.95 37.37
CA GLU A 62 -0.65 15.41 37.50
C GLU A 62 -0.79 16.13 36.15
N MET A 63 -0.46 15.44 35.07
CA MET A 63 -0.63 15.99 33.71
C MET A 63 -2.05 16.48 33.52
N GLN A 64 -2.18 17.70 33.01
CA GLN A 64 -3.50 18.28 32.75
C GLN A 64 -3.93 18.04 31.31
N GLU A 65 -5.16 17.57 31.12
CA GLU A 65 -5.66 17.23 29.79
C GLU A 65 -5.76 18.46 28.88
N GLY A 66 -6.03 19.62 29.46
CA GLY A 66 -5.97 20.89 28.75
C GLY A 66 -4.60 21.21 28.18
N ASP A 67 -3.55 20.92 28.93
CA ASP A 67 -2.19 21.15 28.45
C ASP A 67 -1.87 20.19 27.31
N PHE A 68 -2.23 18.92 27.49
CA PHE A 68 -1.98 17.88 26.49
C PHE A 68 -2.68 18.27 25.20
N ALA A 69 -3.95 18.63 25.32
CA ALA A 69 -4.78 18.99 24.15
C ALA A 69 -4.25 20.22 23.41
N ARG A 70 -3.84 21.24 24.16
CA ARG A 70 -3.20 22.42 23.58
C ARG A 70 -1.94 22.04 22.79
N ASN A 71 -1.07 21.27 23.45
CA ASN A 71 0.20 20.84 22.81
C ASN A 71 -0.08 20.05 21.53
N LEU A 72 -1.00 19.10 21.61
CA LEU A 72 -1.28 18.25 20.46
C LEU A 72 -1.78 19.08 19.30
N GLN A 73 -2.64 20.05 19.58
CA GLN A 73 -3.16 20.91 18.51
C GLN A 73 -2.00 21.69 17.85
N ARG A 74 -1.08 22.17 18.68
CA ARG A 74 0.11 22.90 18.22
C ARG A 74 1.07 22.08 17.36
N ILE A 75 1.14 20.78 17.64
CA ILE A 75 2.01 19.87 16.87
C ILE A 75 1.37 19.31 15.59
N ARG A 76 0.07 19.07 15.67
CA ARG A 76 -0.63 18.37 14.58
C ARG A 76 -1.07 19.28 13.46
N TYR A 77 -1.35 20.53 13.77
CA TYR A 77 -1.87 21.49 12.80
C TYR A 77 -0.88 22.59 12.54
N ARG A 78 -0.84 23.05 11.27
CA ARG A 78 0.02 24.18 10.84
C ARG A 78 -0.23 25.39 11.73
N ASP A 79 0.79 25.80 12.48
CA ASP A 79 0.68 26.95 13.40
C ASP A 79 -0.43 26.78 14.43
N GLY A 80 -0.78 25.54 14.76
CA GLY A 80 -1.80 25.25 15.77
C GLY A 80 -3.23 25.64 15.41
N LYS A 81 -3.46 25.93 14.13
CA LYS A 81 -4.78 26.37 13.68
C LYS A 81 -5.53 25.25 12.95
N ILE A 82 -6.71 24.91 13.46
CA ILE A 82 -7.51 23.85 12.82
C ILE A 82 -8.40 24.50 11.75
N ASP A 83 -8.17 24.09 10.49
CA ASP A 83 -8.85 24.71 9.35
C ASP A 83 -8.96 23.71 8.18
N GLY A 84 -9.76 22.67 8.40
CA GLY A 84 -10.00 21.70 7.36
C GLY A 84 -8.87 20.70 7.28
N TYR A 85 -9.04 19.71 6.41
CA TYR A 85 -8.09 18.61 6.27
C TYR A 85 -6.68 19.11 5.94
N THR A 86 -6.56 20.14 5.10
CA THR A 86 -5.24 20.53 4.64
C THR A 86 -4.47 21.34 5.69
N SER A 87 -5.12 21.74 6.78
CA SER A 87 -4.39 22.39 7.89
C SER A 87 -3.62 21.39 8.73
N ARG A 88 -3.94 20.11 8.59
CA ARG A 88 -3.23 19.07 9.33
C ARG A 88 -1.90 18.83 8.63
N LEU A 89 -0.85 18.57 9.40
CA LEU A 89 0.47 18.46 8.81
C LEU A 89 0.72 17.02 8.36
N HIS A 90 0.45 16.78 7.08
CA HIS A 90 0.54 15.42 6.50
C HIS A 90 1.94 15.04 6.08
N TYR A 91 2.69 15.95 5.46
CA TYR A 91 4.08 15.61 5.15
C TYR A 91 4.93 15.82 6.37
N ILE A 92 5.72 14.82 6.71
CA ILE A 92 6.62 14.91 7.88
C ILE A 92 7.63 16.06 7.83
N SER A 93 8.14 16.43 6.65
CA SER A 93 9.04 17.60 6.55
C SER A 93 8.33 18.83 7.06
N ASP A 94 7.06 18.93 6.71
CA ASP A 94 6.26 20.08 7.08
C ASP A 94 5.97 20.05 8.60
N TRP A 95 5.62 18.87 9.09
CA TRP A 95 5.41 18.60 10.51
C TRP A 95 6.65 18.99 11.33
N ILE A 96 7.80 18.53 10.86
CA ILE A 96 9.06 18.90 11.52
C ILE A 96 9.29 20.42 11.50
N ASN A 97 9.10 21.06 10.34
CA ASN A 97 9.27 22.51 10.24
C ASN A 97 8.36 23.26 11.22
N ASN A 98 7.12 22.77 11.36
CA ASN A 98 6.13 23.40 12.24
C ASN A 98 6.64 23.38 13.68
N ALA A 99 7.15 22.24 14.08
CA ALA A 99 7.54 22.02 15.47
C ALA A 99 8.84 22.76 15.75
N VAL A 100 9.77 22.75 14.78
CA VAL A 100 11.05 23.43 14.96
C VAL A 100 10.86 24.94 15.04
N ARG A 101 10.04 25.50 14.15
CA ARG A 101 9.76 26.95 14.12
C ARG A 101 9.08 27.45 15.40
N GLN A 102 8.31 26.58 16.05
CA GLN A 102 7.72 26.93 17.35
C GLN A 102 8.64 26.68 18.54
N GLY A 103 9.83 26.11 18.31
CA GLY A 103 10.73 25.86 19.43
C GLY A 103 10.35 24.64 20.24
N LEU A 104 9.47 23.81 19.70
CA LEU A 104 9.08 22.58 20.39
C LEU A 104 10.11 21.48 20.22
N LEU A 105 10.74 21.46 19.04
CA LEU A 105 11.81 20.53 18.74
C LEU A 105 13.05 21.26 18.26
N GLU A 106 14.22 20.75 18.60
CA GLU A 106 15.46 21.20 17.99
C GLU A 106 15.90 20.19 16.94
N ASP A 107 16.43 20.70 15.83
CA ASP A 107 16.89 19.87 14.71
C ASP A 107 18.34 19.51 14.99
N VAL A 108 18.52 18.33 15.58
CA VAL A 108 19.85 17.87 16.00
C VAL A 108 20.73 17.54 14.78
N THR A 109 20.18 16.83 13.80
CA THR A 109 20.95 16.60 12.57
C THR A 109 21.41 17.91 11.90
N ALA A 110 20.62 18.97 12.01
CA ALA A 110 21.05 20.28 11.48
C ALA A 110 22.29 20.81 12.18
N ALA A 111 22.43 20.48 13.46
CA ALA A 111 23.56 20.95 14.26
C ALA A 111 24.83 20.13 14.03
N TYR A 112 24.67 18.86 13.66
CA TYR A 112 25.79 17.93 13.62
C TYR A 112 26.22 17.44 12.24
N SER A 113 25.26 17.22 11.35
CA SER A 113 25.59 16.58 10.09
C SER A 113 25.79 17.57 8.96
N PRO A 114 26.85 17.37 8.16
CA PRO A 114 27.08 18.24 6.98
C PRO A 114 26.31 17.77 5.75
N PHE A 115 25.63 16.62 5.84
CA PHE A 115 24.95 16.02 4.69
C PHE A 115 23.54 16.55 4.58
N LYS A 116 23.04 16.65 3.35
CA LYS A 116 21.75 17.29 3.11
C LYS A 116 20.94 16.57 2.05
N GLN A 117 19.63 16.68 2.16
CA GLN A 117 18.74 16.22 1.09
C GLN A 117 17.86 17.37 0.64
N LYS A 118 17.54 17.41 -0.66
CA LYS A 118 16.65 18.41 -1.21
C LYS A 118 15.27 17.80 -1.20
N LEU A 119 14.29 18.55 -0.72
CA LEU A 119 12.94 17.99 -0.62
C LEU A 119 12.28 17.96 -1.98
N SER A 120 11.51 16.92 -2.23
CA SER A 120 10.72 16.82 -3.45
C SER A 120 9.44 16.10 -3.09
N LEU A 121 8.40 16.90 -2.80
CA LEU A 121 7.10 16.39 -2.32
C LEU A 121 6.04 16.49 -3.44
N SER A 122 5.29 15.41 -3.65
CA SER A 122 4.28 15.39 -4.70
C SER A 122 3.34 14.19 -4.60
N TYR A 123 3.59 13.31 -3.64
CA TYR A 123 2.87 12.05 -3.61
C TYR A 123 1.39 12.29 -3.45
N MET A 124 1.00 13.15 -2.52
CA MET A 124 -0.42 13.30 -2.21
C MET A 124 -1.19 13.90 -3.39
N SER A 125 -0.63 14.92 -4.01
CA SER A 125 -1.39 15.57 -5.10
C SER A 125 -1.34 14.72 -6.38
N THR A 126 -0.40 13.78 -6.43
CA THR A 126 -0.23 12.86 -7.56
C THR A 126 -1.15 11.65 -7.45
N HIS A 127 -1.51 11.29 -6.23
CA HIS A 127 -2.40 10.16 -5.94
C HIS A 127 -3.57 10.60 -5.03
N PRO A 128 -4.34 11.63 -5.45
CA PRO A 128 -5.38 12.12 -4.55
C PRO A 128 -6.47 11.07 -4.35
N GLU A 129 -6.58 10.12 -5.28
CA GLU A 129 -7.57 9.03 -5.17
C GLU A 129 -7.43 8.19 -3.90
N LEU A 130 -6.23 8.22 -3.31
CA LEU A 130 -5.91 7.40 -2.15
C LEU A 130 -6.49 7.96 -0.84
N TYR A 131 -6.83 9.24 -0.84
CA TYR A 131 -7.14 9.94 0.40
C TYR A 131 -8.60 10.35 0.45
N LYS A 132 -9.27 10.00 1.54
CA LYS A 132 -10.69 10.29 1.73
C LYS A 132 -10.94 11.78 1.48
N SER A 133 -10.07 12.66 2.00
CA SER A 133 -10.30 14.11 1.90
C SER A 133 -9.70 14.80 0.66
N LEU A 134 -9.07 14.01 -0.21
CA LEU A 134 -8.65 14.52 -1.49
C LEU A 134 -9.45 13.97 -2.67
N LYS A 135 -9.92 12.72 -2.59
CA LYS A 135 -10.43 12.05 -3.79
C LYS A 135 -11.64 12.70 -4.42
N ASN A 136 -12.37 13.50 -3.63
CA ASN A 136 -13.55 14.24 -4.10
C ASN A 136 -13.44 15.75 -3.85
N SER A 137 -12.21 16.23 -3.62
CA SER A 137 -11.99 17.64 -3.33
C SER A 137 -10.87 18.25 -4.16
N PRO A 138 -11.19 18.74 -5.37
CA PRO A 138 -10.17 19.41 -6.18
C PRO A 138 -9.55 20.61 -5.45
N GLU A 139 -10.33 21.29 -4.62
CA GLU A 139 -9.79 22.43 -3.85
C GLU A 139 -8.73 21.98 -2.85
N ASN A 140 -8.98 20.85 -2.18
CA ASN A 140 -7.98 20.33 -1.23
C ASN A 140 -6.73 19.87 -1.95
N VAL A 141 -6.90 19.23 -3.09
CA VAL A 141 -5.75 18.80 -3.89
C VAL A 141 -4.91 20.03 -4.31
N ALA A 142 -5.59 21.08 -4.75
CA ALA A 142 -4.90 22.31 -5.19
C ALA A 142 -4.10 22.88 -4.03
N GLN A 143 -4.70 22.89 -2.85
CA GLN A 143 -4.03 23.41 -1.65
C GLN A 143 -2.82 22.55 -1.31
N MET A 144 -2.95 21.23 -1.36
CA MET A 144 -1.81 20.37 -1.02
C MET A 144 -0.69 20.58 -2.04
N ALA A 145 -1.06 20.76 -3.31
CA ALA A 145 -0.06 21.07 -4.34
C ALA A 145 0.69 22.38 -4.05
N LYS A 146 0.00 23.37 -3.49
CA LYS A 146 0.66 24.63 -3.10
C LYS A 146 1.66 24.39 -1.97
N TYR A 147 1.27 23.56 -1.01
CA TYR A 147 2.18 23.25 0.11
C TYR A 147 3.38 22.42 -0.34
N GLU A 148 3.12 21.43 -1.19
CA GLU A 148 4.21 20.64 -1.80
C GLU A 148 5.20 21.53 -2.54
N LYS A 149 4.67 22.49 -3.29
CA LYS A 149 5.53 23.33 -4.11
C LYS A 149 6.40 24.24 -3.25
N ALA A 150 5.82 24.72 -2.16
CA ALA A 150 6.51 25.67 -1.28
C ALA A 150 7.61 24.99 -0.49
N LEU A 151 7.48 23.69 -0.24
CA LEU A 151 8.51 22.92 0.45
C LEU A 151 9.55 22.29 -0.48
N SER A 152 9.14 21.95 -1.70
CA SER A 152 10.05 21.29 -2.65
C SER A 152 11.18 22.22 -3.08
N GLY A 153 12.38 21.66 -3.16
CA GLY A 153 13.59 22.42 -3.51
C GLY A 153 14.34 22.93 -2.29
N LYS A 154 13.70 22.90 -1.12
CA LYS A 154 14.36 23.34 0.11
C LYS A 154 15.25 22.23 0.63
N GLU A 155 16.32 22.59 1.33
CA GLU A 155 17.22 21.55 1.83
C GLU A 155 16.99 21.30 3.30
N VAL A 156 17.19 20.05 3.73
CA VAL A 156 17.26 19.74 5.15
C VAL A 156 18.55 18.97 5.43
N HIS A 157 19.04 19.02 6.67
CA HIS A 157 20.19 18.18 7.05
C HIS A 157 19.74 16.76 7.37
N TYR A 158 20.56 15.76 7.05
CA TYR A 158 20.23 14.39 7.49
C TYR A 158 21.51 13.63 7.70
N LEU A 159 21.40 12.45 8.31
CA LEU A 159 22.53 11.56 8.44
C LEU A 159 22.34 10.39 7.49
N PRO A 160 23.25 10.24 6.51
CA PRO A 160 23.19 9.09 5.62
C PRO A 160 23.28 7.78 6.38
N LYS A 161 22.48 6.79 5.98
CA LYS A 161 22.44 5.52 6.71
C LYS A 161 23.81 4.84 6.77
N ASP A 162 24.66 5.05 5.76
CA ASP A 162 26.01 4.46 5.86
C ASP A 162 26.90 5.07 6.97
N LYS A 163 26.41 6.15 7.60
CA LYS A 163 27.13 6.79 8.70
C LYS A 163 26.62 6.35 10.07
N LEU A 164 25.62 5.48 10.08
CA LEU A 164 25.01 5.06 11.34
C LEU A 164 25.38 3.61 11.65
N GLU A 165 25.89 3.38 12.87
CA GLU A 165 26.29 2.05 13.31
C GLU A 165 25.22 1.44 14.23
N PRO A 166 25.24 0.11 14.42
CA PRO A 166 24.26 -0.48 15.31
C PRO A 166 24.22 0.13 16.71
N ASP A 167 25.36 0.65 17.20
CA ASP A 167 25.43 1.24 18.54
C ASP A 167 25.21 2.74 18.56
N GLY A 168 24.61 3.26 17.49
CA GLY A 168 24.28 4.68 17.37
C GLY A 168 25.48 5.61 17.36
N LEU A 169 25.27 6.81 17.89
CA LEU A 169 26.30 7.83 18.00
C LEU A 169 26.12 8.60 19.29
N PRO A 170 27.20 9.22 19.78
CA PRO A 170 27.14 9.91 21.08
C PRO A 170 26.10 11.04 21.07
N TRP A 171 25.83 11.59 19.90
CA TRP A 171 24.92 12.73 19.81
C TRP A 171 23.45 12.39 19.53
N ILE A 172 23.15 11.11 19.43
CA ILE A 172 21.78 10.64 19.34
C ILE A 172 21.48 10.01 20.68
N LYS A 173 20.43 10.51 21.33
CA LYS A 173 20.13 10.17 22.71
C LYS A 173 18.78 9.51 22.83
N ASN A 174 18.61 8.68 23.86
CA ASN A 174 17.29 8.21 24.26
C ASN A 174 16.23 9.31 24.19
N GLY A 175 15.10 9.04 23.56
CA GLY A 175 14.02 10.01 23.53
C GLY A 175 14.01 10.96 22.35
N ASP A 176 15.09 10.96 21.57
CA ASP A 176 15.09 11.78 20.34
C ASP A 176 14.06 11.20 19.39
N ILE A 177 13.45 12.05 18.58
CA ILE A 177 12.57 11.59 17.53
C ILE A 177 13.43 11.31 16.31
N ILE A 178 13.20 10.15 15.69
CA ILE A 178 13.99 9.75 14.53
C ILE A 178 13.04 9.69 13.36
N ALA A 179 13.32 10.48 12.34
CA ALA A 179 12.59 10.37 11.06
C ALA A 179 13.44 9.65 10.02
N LEU A 180 12.88 8.59 9.45
CA LEU A 180 13.60 7.77 8.47
C LEU A 180 13.34 8.37 7.09
N THR A 181 14.40 8.85 6.46
CA THR A 181 14.34 9.55 5.18
C THR A 181 14.31 8.53 4.07
N THR A 182 13.70 8.92 2.95
CA THR A 182 13.44 8.01 1.84
C THR A 182 13.70 8.71 0.52
N ASN A 183 14.01 7.93 -0.52
CA ASN A 183 14.14 8.48 -1.88
C ASN A 183 13.00 8.01 -2.75
N THR A 184 11.96 7.46 -2.13
CA THR A 184 10.81 7.01 -2.91
C THR A 184 10.14 8.23 -3.54
N PRO A 185 9.72 8.11 -4.82
CA PRO A 185 9.15 9.27 -5.49
C PRO A 185 8.09 10.00 -4.70
N GLY A 186 8.27 11.31 -4.55
CA GLY A 186 7.20 12.18 -4.07
C GLY A 186 7.10 12.34 -2.57
N LEU A 187 8.00 11.66 -1.85
CA LEU A 187 7.99 11.67 -0.39
C LEU A 187 9.39 11.97 0.16
N ASP A 188 9.39 12.38 1.43
CA ASP A 188 10.53 12.86 2.16
C ASP A 188 10.98 11.88 3.27
N VAL A 189 9.99 11.37 3.97
CA VAL A 189 10.20 10.60 5.19
C VAL A 189 9.13 9.53 5.13
N SER A 190 9.51 8.28 5.37
CA SER A 190 8.55 7.21 5.26
C SER A 190 8.01 6.79 6.61
N HIS A 191 8.75 7.09 7.69
CA HIS A 191 8.42 6.57 9.01
C HIS A 191 9.11 7.42 10.06
N MET A 192 8.55 7.47 11.26
CA MET A 192 9.21 8.14 12.40
C MET A 192 9.07 7.21 13.62
N GLY A 193 9.90 7.45 14.61
CA GLY A 193 9.79 6.74 15.90
C GLY A 193 10.65 7.44 16.92
N ILE A 194 10.86 6.79 18.07
CA ILE A 194 11.63 7.39 19.16
C ILE A 194 12.87 6.54 19.42
N ALA A 195 14.02 7.19 19.55
CA ALA A 195 15.29 6.49 19.81
C ALA A 195 15.28 5.87 21.20
N ILE A 196 15.80 4.65 21.28
CA ILE A 196 15.93 3.96 22.55
C ILE A 196 17.11 3.03 22.44
N TYR A 197 18.04 3.15 23.39
CA TYR A 197 19.20 2.28 23.43
C TYR A 197 18.87 1.05 24.27
N ILE A 198 19.07 -0.11 23.67
CA ILE A 198 18.76 -1.42 24.25
C ILE A 198 19.99 -2.27 24.00
N LYS A 199 20.58 -2.85 25.06
CA LYS A 199 21.80 -3.67 24.93
C LYS A 199 22.93 -2.92 24.19
N GLY A 200 23.03 -1.61 24.42
CA GLY A 200 24.08 -0.80 23.81
C GLY A 200 23.79 -0.40 22.36
N GLN A 201 22.72 -0.96 21.80
CA GLN A 201 22.38 -0.69 20.39
C GLN A 201 21.30 0.39 20.31
N LEU A 202 21.38 1.22 19.28
CA LEU A 202 20.34 2.18 19.01
C LEU A 202 19.18 1.47 18.30
N HIS A 203 18.03 1.41 18.99
CA HIS A 203 16.78 0.86 18.47
C HIS A 203 15.71 1.94 18.28
N LEU A 204 14.58 1.56 17.72
CA LEU A 204 13.47 2.46 17.48
C LEU A 204 12.23 1.96 18.18
N LEU A 205 11.65 2.84 19.00
CA LEU A 205 10.35 2.64 19.57
C LEU A 205 9.36 3.28 18.58
N HIS A 206 8.43 2.49 18.03
CA HIS A 206 7.63 2.97 16.92
C HIS A 206 6.33 2.19 16.78
N ALA A 207 5.36 2.80 16.10
CA ALA A 207 4.14 2.10 15.79
C ALA A 207 4.39 1.38 14.47
N SER A 208 4.34 0.04 14.54
CA SER A 208 4.70 -0.83 13.42
C SER A 208 3.46 -1.44 12.78
N SER A 209 3.26 -1.22 11.49
CA SER A 209 2.19 -1.89 10.77
C SER A 209 2.56 -3.37 10.58
N LYS A 210 3.87 -3.65 10.53
CA LYS A 210 4.35 -5.04 10.42
C LYS A 210 3.96 -5.89 11.64
N GLU A 211 4.21 -5.37 12.83
CA GLU A 211 3.89 -6.04 14.09
C GLU A 211 2.46 -5.79 14.53
N GLY A 212 1.84 -4.79 13.92
CA GLY A 212 0.46 -4.41 14.24
C GLY A 212 0.28 -3.70 15.56
N LYS A 213 1.37 -3.17 16.11
CA LYS A 213 1.31 -2.49 17.39
C LYS A 213 2.57 -1.66 17.65
N VAL A 214 2.53 -0.85 18.70
CA VAL A 214 3.72 -0.09 19.15
C VAL A 214 4.70 -1.06 19.78
N VAL A 215 5.95 -1.05 19.30
CA VAL A 215 6.99 -1.96 19.80
C VAL A 215 8.35 -1.25 19.92
N VAL A 216 9.20 -1.79 20.79
CA VAL A 216 10.63 -1.50 20.72
C VAL A 216 11.15 -2.49 19.65
N GLY A 217 11.63 -1.96 18.53
CA GLY A 217 12.08 -2.79 17.42
C GLY A 217 13.16 -3.77 17.86
N LYS A 218 13.08 -5.00 17.34
CA LYS A 218 14.08 -6.04 17.64
C LYS A 218 15.42 -5.81 16.93
N THR A 219 15.36 -5.15 15.79
CA THR A 219 16.55 -4.97 14.98
C THR A 219 17.07 -3.55 15.17
N ALA A 220 18.39 -3.40 15.34
CA ALA A 220 19.01 -2.09 15.49
C ALA A 220 18.59 -1.19 14.34
N LEU A 221 18.44 0.10 14.63
CA LEU A 221 18.02 1.07 13.62
C LEU A 221 18.89 1.02 12.35
N SER A 222 20.20 0.94 12.51
CA SER A 222 21.10 0.90 11.37
C SER A 222 20.77 -0.26 10.42
N GLN A 223 20.34 -1.38 10.98
CA GLN A 223 19.98 -2.55 10.17
C GLN A 223 18.62 -2.36 9.50
N MET A 224 17.67 -1.75 10.21
CA MET A 224 16.36 -1.39 9.61
C MET A 224 16.58 -0.54 8.35
N LEU A 225 17.49 0.42 8.44
CA LEU A 225 17.79 1.31 7.33
C LEU A 225 18.51 0.61 6.20
N LYS A 226 19.58 -0.12 6.56
CA LYS A 226 20.40 -0.78 5.55
C LYS A 226 19.64 -1.91 4.84
N ASP A 227 18.61 -2.44 5.49
CA ASP A 227 17.81 -3.51 4.90
C ASP A 227 16.89 -3.04 3.77
N ARG A 228 16.57 -1.75 3.74
CA ARG A 228 15.59 -1.21 2.78
C ARG A 228 16.27 -0.27 1.79
N LYS A 229 16.20 -0.59 0.49
CA LYS A 229 16.88 0.22 -0.52
C LYS A 229 16.30 1.64 -0.64
N SER A 230 15.01 1.78 -0.34
CA SER A 230 14.32 3.08 -0.40
C SER A 230 14.61 4.00 0.80
N LEU A 231 15.21 3.47 1.86
CA LEU A 231 15.61 4.32 2.99
C LEU A 231 17.02 4.88 2.77
N THR A 232 17.21 6.15 3.10
CA THR A 232 18.48 6.78 2.82
C THR A 232 19.24 7.20 4.08
N GLY A 233 18.52 7.37 5.21
CA GLY A 233 19.17 7.97 6.37
C GLY A 233 18.16 8.38 7.41
N ILE A 234 18.56 9.24 8.33
CA ILE A 234 17.65 9.74 9.34
C ILE A 234 17.79 11.22 9.61
N ARG A 235 16.73 11.81 10.11
CA ARG A 235 16.82 13.11 10.76
C ARG A 235 16.58 12.86 12.25
N VAL A 236 17.27 13.63 13.07
CA VAL A 236 17.22 13.48 14.53
C VAL A 236 16.70 14.78 15.10
N LEU A 237 15.60 14.69 15.84
CA LEU A 237 15.03 15.85 16.51
C LEU A 237 14.94 15.59 17.99
N ARG A 238 14.93 16.67 18.78
CA ARG A 238 14.92 16.53 20.23
C ARG A 238 13.99 17.56 20.85
N MET A 239 13.17 17.14 21.82
CA MET A 239 12.28 18.05 22.54
C MET A 239 13.05 19.16 23.22
N LEU B 10 -3.78 2.58 -11.91
CA LEU B 10 -3.92 2.69 -10.42
C LEU B 10 -5.04 3.62 -10.01
N SER B 11 -5.17 4.76 -10.68
CA SER B 11 -6.20 5.73 -10.27
C SER B 11 -7.60 5.08 -10.41
N ASN B 12 -7.83 4.37 -11.51
CA ASN B 12 -9.06 3.62 -11.71
C ASN B 12 -9.26 2.60 -10.57
N GLY B 13 -8.21 1.85 -10.25
CA GLY B 13 -8.28 0.87 -9.16
C GLY B 13 -8.66 1.54 -7.86
N LEU B 14 -8.03 2.68 -7.56
CA LEU B 14 -8.27 3.36 -6.26
C LEU B 14 -9.70 3.87 -6.08
N GLY B 15 -10.35 4.17 -7.20
CA GLY B 15 -11.77 4.51 -7.19
C GLY B 15 -12.66 3.48 -6.52
N PHE B 16 -12.21 2.21 -6.51
CA PHE B 16 -13.00 1.11 -5.94
C PHE B 16 -12.81 0.92 -4.43
N VAL B 17 -11.85 1.61 -3.82
CA VAL B 17 -11.60 1.38 -2.40
C VAL B 17 -12.89 1.57 -1.58
N ASP B 18 -13.18 0.60 -0.73
CA ASP B 18 -14.42 0.53 0.08
C ASP B 18 -15.58 -0.19 -0.65
N THR B 19 -15.45 -0.49 -1.94
CA THR B 19 -16.52 -1.24 -2.62
C THR B 19 -16.63 -2.62 -1.97
N PRO B 20 -17.85 -3.07 -1.64
CA PRO B 20 -18.01 -4.36 -0.98
C PRO B 20 -17.52 -5.53 -1.82
N TYR B 21 -16.98 -6.52 -1.12
CA TYR B 21 -16.65 -7.80 -1.70
C TYR B 21 -17.92 -8.62 -1.88
N LYS B 22 -18.01 -9.34 -3.00
CA LYS B 22 -19.03 -10.39 -3.14
C LYS B 22 -18.53 -11.43 -4.13
N ALA B 23 -18.59 -12.71 -3.76
CA ALA B 23 -18.22 -13.76 -4.69
C ALA B 23 -19.47 -14.18 -5.45
N GLY B 24 -19.27 -14.79 -6.61
CA GLY B 24 -20.37 -15.36 -7.39
C GLY B 24 -21.17 -14.33 -8.18
N THR B 25 -20.67 -13.10 -8.32
CA THR B 25 -21.47 -12.07 -9.02
C THR B 25 -21.69 -12.44 -10.48
N LEU B 26 -20.79 -13.24 -11.05
CA LEU B 26 -20.92 -13.58 -12.48
C LEU B 26 -21.72 -14.86 -12.72
N GLU B 27 -22.21 -15.49 -11.64
CA GLU B 27 -22.90 -16.79 -11.75
C GLU B 27 -24.42 -16.69 -11.60
N VAL B 28 -24.93 -15.47 -11.59
CA VAL B 28 -26.34 -15.25 -11.21
C VAL B 28 -27.35 -15.66 -12.27
N ASP B 29 -26.92 -15.74 -13.53
CA ASP B 29 -27.83 -16.07 -14.64
C ASP B 29 -27.62 -17.51 -15.14
N ASP B 30 -28.61 -18.09 -15.86
CA ASP B 30 -28.51 -19.50 -16.29
C ASP B 30 -27.72 -19.72 -17.57
N THR B 31 -27.58 -18.66 -18.35
CA THR B 31 -26.75 -18.72 -19.53
C THR B 31 -25.66 -17.66 -19.36
N GLU B 32 -24.53 -17.89 -19.99
CA GLU B 32 -23.40 -16.97 -19.88
C GLU B 32 -23.54 -15.75 -20.77
N ASP B 33 -23.50 -14.58 -20.15
CA ASP B 33 -23.51 -13.32 -20.86
C ASP B 33 -22.74 -12.29 -20.04
N LEU B 34 -22.46 -11.15 -20.64
CA LEU B 34 -21.65 -10.13 -19.96
C LEU B 34 -22.41 -9.49 -18.81
N ILE B 35 -21.88 -9.64 -17.61
CA ILE B 35 -22.46 -9.06 -16.41
C ILE B 35 -21.53 -7.96 -15.95
N ILE B 36 -22.08 -6.77 -15.77
CA ILE B 36 -21.29 -5.66 -15.25
C ILE B 36 -21.85 -5.31 -13.89
N ASN B 37 -21.14 -5.72 -12.85
CA ASN B 37 -21.54 -5.42 -11.49
C ASN B 37 -20.37 -4.78 -10.76
N CYS B 38 -20.24 -3.47 -10.89
CA CYS B 38 -19.12 -2.76 -10.23
C CYS B 38 -19.40 -2.36 -8.77
N ASP B 39 -20.60 -2.64 -8.30
CA ASP B 39 -21.01 -2.28 -6.95
C ASP B 39 -20.65 -3.36 -5.93
N GLU B 40 -20.36 -4.56 -6.42
CA GLU B 40 -19.96 -5.71 -5.60
C GLU B 40 -18.92 -6.47 -6.44
N VAL B 41 -17.69 -6.67 -5.93
CA VAL B 41 -16.62 -7.25 -6.75
C VAL B 41 -15.89 -8.39 -6.06
N ASP B 42 -15.26 -9.27 -6.83
CA ASP B 42 -14.29 -10.22 -6.23
C ASP B 42 -12.89 -9.85 -6.69
N CYS B 43 -11.89 -10.66 -6.38
CA CYS B 43 -10.49 -10.31 -6.68
CA CYS B 43 -10.52 -10.23 -6.66
C CYS B 43 -10.28 -10.08 -8.16
N THR B 44 -10.91 -10.92 -8.97
CA THR B 44 -10.73 -10.85 -10.42
C THR B 44 -11.59 -9.76 -11.05
N THR B 45 -12.87 -9.69 -10.67
CA THR B 45 -13.74 -8.72 -11.36
C THR B 45 -13.27 -7.30 -11.07
N PHE B 46 -12.79 -7.06 -9.85
CA PHE B 46 -12.19 -5.78 -9.52
C PHE B 46 -11.14 -5.37 -10.56
N VAL B 47 -10.17 -6.25 -10.81
CA VAL B 47 -9.06 -5.95 -11.71
C VAL B 47 -9.57 -5.82 -13.14
N GLU B 48 -10.53 -6.67 -13.52
CA GLU B 48 -11.10 -6.56 -14.87
C GLU B 48 -11.79 -5.24 -15.08
N TYR B 49 -12.61 -4.80 -14.14
CA TYR B 49 -13.26 -3.48 -14.30
C TYR B 49 -12.27 -2.34 -14.35
N ALA B 50 -11.31 -2.37 -13.45
CA ALA B 50 -10.29 -1.32 -13.41
C ALA B 50 -9.54 -1.24 -14.73
N LEU B 51 -9.15 -2.38 -15.28
CA LEU B 51 -8.44 -2.42 -16.57
C LEU B 51 -9.31 -1.93 -17.71
N ALA B 52 -10.55 -2.43 -17.73
CA ALA B 52 -11.49 -2.08 -18.79
C ALA B 52 -11.74 -0.56 -18.81
N MET B 53 -11.85 0.05 -17.63
CA MET B 53 -11.97 1.51 -17.53
C MET B 53 -10.72 2.22 -17.97
N ALA B 54 -9.58 1.76 -17.49
CA ALA B 54 -8.32 2.45 -17.81
C ALA B 54 -8.01 2.44 -19.30
N LEU B 55 -8.49 1.42 -20.00
CA LEU B 55 -8.26 1.31 -21.46
C LEU B 55 -9.13 2.27 -22.29
N CYS B 56 -10.16 2.86 -21.67
CA CYS B 56 -11.08 3.76 -22.39
C CYS B 56 -10.46 5.13 -22.61
N PRO B 57 -10.86 5.82 -23.71
CA PRO B 57 -10.40 7.19 -23.97
C PRO B 57 -10.88 8.12 -22.87
N GLN B 58 -10.09 9.13 -22.55
CA GLN B 58 -10.47 10.09 -21.51
C GLN B 58 -10.95 11.41 -22.08
N GLN B 59 -10.78 11.59 -23.38
CA GLN B 59 -11.22 12.85 -24.03
C GLN B 59 -12.66 12.69 -24.49
N GLY B 60 -13.50 13.70 -24.21
CA GLY B 60 -14.92 13.63 -24.54
C GLY B 60 -15.22 13.24 -25.97
N ASP B 61 -14.49 13.83 -26.92
CA ASP B 61 -14.82 13.58 -28.31
C ASP B 61 -14.20 12.29 -28.89
N GLU B 62 -13.43 11.56 -28.07
CA GLU B 62 -12.86 10.27 -28.46
C GLU B 62 -13.71 9.12 -27.91
N MET B 63 -14.63 9.44 -27.01
CA MET B 63 -15.49 8.41 -26.41
C MET B 63 -16.48 7.81 -27.43
N GLN B 64 -16.60 6.48 -27.40
CA GLN B 64 -17.52 5.76 -28.26
C GLN B 64 -18.42 4.85 -27.47
N GLU B 65 -19.64 4.63 -27.99
CA GLU B 65 -20.67 3.86 -27.33
C GLU B 65 -20.17 2.46 -27.06
N GLY B 66 -20.25 2.06 -25.80
CA GLY B 66 -19.90 0.70 -25.38
C GLY B 66 -18.40 0.41 -25.29
N ASP B 67 -17.55 1.44 -25.27
CA ASP B 67 -16.10 1.22 -25.12
C ASP B 67 -15.79 0.36 -23.89
N PHE B 68 -16.35 0.73 -22.74
CA PHE B 68 -16.07 0.05 -21.50
C PHE B 68 -16.52 -1.40 -21.58
N ALA B 69 -17.75 -1.62 -22.03
CA ALA B 69 -18.27 -2.99 -22.09
C ALA B 69 -17.47 -3.83 -23.09
N ARG B 70 -17.05 -3.22 -24.20
CA ARG B 70 -16.29 -3.91 -25.24
C ARG B 70 -14.93 -4.34 -24.68
N ASN B 71 -14.26 -3.41 -24.01
CA ASN B 71 -12.97 -3.74 -23.36
C ASN B 71 -13.13 -4.87 -22.37
N LEU B 72 -14.16 -4.77 -21.52
CA LEU B 72 -14.41 -5.79 -20.50
C LEU B 72 -14.62 -7.14 -21.14
N GLN B 73 -15.40 -7.17 -22.22
CA GLN B 73 -15.64 -8.43 -22.92
C GLN B 73 -14.35 -9.05 -23.47
N ARG B 74 -13.44 -8.22 -23.97
CA ARG B 74 -12.17 -8.67 -24.52
C ARG B 74 -11.27 -9.24 -23.42
N ILE B 75 -11.42 -8.70 -22.21
CA ILE B 75 -10.64 -9.14 -21.05
C ILE B 75 -11.16 -10.44 -20.42
N ARG B 76 -12.48 -10.56 -20.28
CA ARG B 76 -13.08 -11.62 -19.46
C ARG B 76 -13.29 -12.93 -20.25
N TYR B 77 -13.46 -12.79 -21.58
CA TYR B 77 -13.75 -13.94 -22.48
C TYR B 77 -12.65 -14.24 -23.45
N ARG B 78 -12.48 -15.53 -23.71
CA ARG B 78 -11.46 -16.04 -24.64
C ARG B 78 -11.69 -15.42 -26.03
N ASP B 79 -10.68 -14.70 -26.53
CA ASP B 79 -10.76 -13.97 -27.80
C ASP B 79 -11.93 -12.98 -27.82
N GLY B 80 -12.41 -12.58 -26.64
CA GLY B 80 -13.52 -11.62 -26.54
C GLY B 80 -14.84 -12.19 -27.04
N LYS B 81 -14.95 -13.52 -27.07
CA LYS B 81 -16.12 -14.17 -27.64
C LYS B 81 -16.91 -14.89 -26.58
N ILE B 82 -18.15 -14.48 -26.40
CA ILE B 82 -19.00 -15.09 -25.38
C ILE B 82 -19.70 -16.31 -25.96
N ASP B 83 -19.39 -17.47 -25.41
CA ASP B 83 -19.96 -18.73 -25.89
C ASP B 83 -19.96 -19.74 -24.78
N GLY B 84 -20.92 -19.58 -23.86
CA GLY B 84 -21.07 -20.48 -22.73
C GLY B 84 -20.14 -20.22 -21.53
N TYR B 85 -20.39 -20.94 -20.44
CA TYR B 85 -19.65 -20.77 -19.20
C TYR B 85 -18.15 -20.96 -19.39
N THR B 86 -17.78 -21.91 -20.24
CA THR B 86 -16.35 -22.22 -20.40
C THR B 86 -15.62 -21.24 -21.33
N SER B 87 -16.33 -20.29 -21.93
CA SER B 87 -15.67 -19.25 -22.74
C SER B 87 -15.11 -18.14 -21.83
N ARG B 88 -15.59 -18.06 -20.60
CA ARG B 88 -15.04 -17.12 -19.60
C ARG B 88 -13.67 -17.64 -19.16
N LEU B 89 -12.71 -16.75 -18.98
CA LEU B 89 -11.34 -17.17 -18.68
C LEU B 89 -11.09 -17.47 -17.19
N HIS B 90 -11.52 -18.64 -16.76
CA HIS B 90 -11.55 -18.98 -15.33
C HIS B 90 -10.16 -19.10 -14.69
N TYR B 91 -9.23 -19.70 -15.42
CA TYR B 91 -7.89 -19.82 -14.86
C TYR B 91 -7.11 -18.57 -15.21
N ILE B 92 -6.47 -18.00 -14.20
CA ILE B 92 -5.71 -16.77 -14.41
C ILE B 92 -4.57 -16.94 -15.42
N SER B 93 -3.96 -18.13 -15.50
CA SER B 93 -2.90 -18.33 -16.51
C SER B 93 -3.46 -18.11 -17.92
N ASP B 94 -4.69 -18.59 -18.13
CA ASP B 94 -5.41 -18.48 -19.41
C ASP B 94 -5.81 -17.02 -19.67
N TRP B 95 -6.30 -16.37 -18.62
CA TRP B 95 -6.71 -14.96 -18.62
C TRP B 95 -5.52 -14.09 -19.02
N ILE B 96 -4.37 -14.34 -18.43
CA ILE B 96 -3.13 -13.62 -18.81
C ILE B 96 -2.79 -13.81 -20.30
N ASN B 97 -2.79 -15.06 -20.76
CA ASN B 97 -2.43 -15.34 -22.15
C ASN B 97 -3.41 -14.66 -23.12
N ASN B 98 -4.69 -14.61 -22.74
CA ASN B 98 -5.68 -13.90 -23.56
C ASN B 98 -5.38 -12.41 -23.63
N ALA B 99 -5.11 -11.80 -22.47
CA ALA B 99 -4.84 -10.36 -22.41
C ALA B 99 -3.60 -10.02 -23.22
N VAL B 100 -2.58 -10.88 -23.18
CA VAL B 100 -1.34 -10.67 -23.95
C VAL B 100 -1.63 -10.77 -25.45
N ARG B 101 -2.42 -11.79 -25.84
CA ARG B 101 -2.76 -12.04 -27.24
C ARG B 101 -3.58 -10.87 -27.79
N GLN B 102 -4.45 -10.32 -26.94
CA GLN B 102 -5.28 -9.17 -27.32
C GLN B 102 -4.54 -7.82 -27.35
N GLY B 103 -3.28 -7.81 -26.91
CA GLY B 103 -2.48 -6.57 -26.86
C GLY B 103 -2.83 -5.64 -25.73
N LEU B 104 -3.45 -6.19 -24.68
CA LEU B 104 -3.95 -5.36 -23.54
C LEU B 104 -3.00 -5.31 -22.36
N LEU B 105 -2.26 -6.40 -22.16
CA LEU B 105 -1.26 -6.48 -21.10
C LEU B 105 0.04 -7.02 -21.64
N GLU B 106 1.14 -6.63 -20.98
CA GLU B 106 2.45 -7.21 -21.17
C GLU B 106 2.85 -7.94 -19.90
N ASP B 107 3.58 -9.04 -20.10
CA ASP B 107 4.05 -9.91 -19.02
C ASP B 107 5.40 -9.36 -18.53
N VAL B 108 5.35 -8.65 -17.41
CA VAL B 108 6.54 -7.95 -16.89
C VAL B 108 7.51 -8.99 -16.30
N THR B 109 6.99 -9.93 -15.53
CA THR B 109 7.86 -10.95 -14.92
C THR B 109 8.60 -11.76 -15.97
N ALA B 110 8.01 -11.93 -17.15
CA ALA B 110 8.71 -12.64 -18.23
C ALA B 110 9.98 -11.90 -18.67
N ALA B 111 9.93 -10.56 -18.57
CA ALA B 111 11.04 -9.71 -19.00
C ALA B 111 12.13 -9.60 -17.92
N TYR B 112 11.75 -9.67 -16.65
CA TYR B 112 12.64 -9.30 -15.57
C TYR B 112 13.07 -10.38 -14.59
N SER B 113 12.31 -11.47 -14.56
CA SER B 113 12.63 -12.55 -13.66
C SER B 113 13.11 -13.79 -14.39
N PRO B 114 14.25 -14.36 -13.95
CA PRO B 114 14.78 -15.60 -14.55
C PRO B 114 14.04 -16.85 -14.08
N PHE B 115 13.26 -16.73 -13.02
CA PHE B 115 12.66 -17.89 -12.37
C PHE B 115 11.42 -18.32 -13.11
N LYS B 116 11.28 -19.64 -13.23
CA LYS B 116 10.16 -20.23 -13.94
C LYS B 116 9.46 -21.27 -13.08
N GLN B 117 8.16 -21.47 -13.35
CA GLN B 117 7.42 -22.56 -12.75
C GLN B 117 6.56 -23.23 -13.81
N LYS B 118 6.39 -24.53 -13.66
CA LYS B 118 5.58 -25.32 -14.55
C LYS B 118 4.15 -25.34 -14.05
N LEU B 119 3.21 -25.08 -14.95
CA LEU B 119 1.81 -25.05 -14.58
C LEU B 119 1.32 -26.48 -14.46
N SER B 120 0.42 -26.71 -13.49
CA SER B 120 -0.27 -27.99 -13.34
C SER B 120 -1.67 -27.66 -12.90
N LEU B 121 -2.59 -27.78 -13.84
CA LEU B 121 -3.95 -27.29 -13.60
C LEU B 121 -4.94 -28.42 -13.68
N SER B 122 -5.84 -28.53 -12.69
CA SER B 122 -6.86 -29.56 -12.69
C SER B 122 -7.96 -29.32 -11.66
N TYR B 123 -7.88 -28.22 -10.92
CA TYR B 123 -8.79 -28.02 -9.80
C TYR B 123 -10.26 -28.04 -10.22
N MET B 124 -10.62 -27.25 -11.23
CA MET B 124 -12.02 -27.13 -11.62
C MET B 124 -12.61 -28.42 -12.13
N SER B 125 -11.90 -29.11 -13.00
CA SER B 125 -12.47 -30.31 -13.61
C SER B 125 -12.49 -31.48 -12.62
N THR B 126 -11.66 -31.42 -11.58
CA THR B 126 -11.69 -32.46 -10.53
C THR B 126 -12.58 -32.13 -9.32
N HIS B 127 -13.09 -30.90 -9.24
CA HIS B 127 -14.06 -30.52 -8.20
C HIS B 127 -15.35 -29.95 -8.83
N PRO B 128 -15.97 -30.70 -9.78
CA PRO B 128 -17.10 -30.10 -10.48
C PRO B 128 -18.30 -29.81 -9.58
N GLU B 129 -18.39 -30.52 -8.46
CA GLU B 129 -19.48 -30.35 -7.47
C GLU B 129 -19.53 -28.94 -6.87
N LEU B 130 -18.42 -28.21 -6.97
CA LEU B 130 -18.31 -26.88 -6.38
C LEU B 130 -18.76 -25.74 -7.31
N TYR B 131 -19.05 -26.08 -8.57
CA TYR B 131 -19.35 -25.08 -9.59
C TYR B 131 -20.70 -25.34 -10.20
N LYS B 132 -21.56 -24.34 -10.06
CA LYS B 132 -22.92 -24.35 -10.59
C LYS B 132 -23.00 -24.86 -12.02
N SER B 133 -22.09 -24.40 -12.87
CA SER B 133 -22.13 -24.71 -14.30
C SER B 133 -21.29 -25.93 -14.69
N LEU B 134 -20.67 -26.58 -13.71
CA LEU B 134 -19.98 -27.85 -14.01
C LEU B 134 -20.68 -29.06 -13.43
N LYS B 135 -21.26 -28.89 -12.24
CA LYS B 135 -21.79 -30.00 -11.46
C LYS B 135 -22.74 -30.93 -12.22
N ASN B 136 -23.56 -30.36 -13.11
CA ASN B 136 -24.50 -31.16 -13.89
C ASN B 136 -24.17 -31.19 -15.37
N SER B 137 -22.93 -30.87 -15.70
CA SER B 137 -22.55 -30.73 -17.11
C SER B 137 -21.23 -31.44 -17.41
N PRO B 138 -21.26 -32.76 -17.70
CA PRO B 138 -19.97 -33.39 -18.05
C PRO B 138 -19.33 -32.76 -19.29
N GLU B 139 -20.13 -32.15 -20.15
CA GLU B 139 -19.59 -31.49 -21.34
C GLU B 139 -18.74 -30.28 -20.94
N ASN B 140 -19.24 -29.51 -19.97
CA ASN B 140 -18.46 -28.34 -19.48
C ASN B 140 -17.23 -28.78 -18.72
N VAL B 141 -17.37 -29.86 -17.97
CA VAL B 141 -16.21 -30.45 -17.27
C VAL B 141 -15.15 -30.85 -18.31
N ALA B 142 -15.56 -31.53 -19.38
CA ALA B 142 -14.61 -31.94 -20.40
C ALA B 142 -13.93 -30.74 -21.05
N GLN B 143 -14.69 -29.67 -21.30
CA GLN B 143 -14.09 -28.49 -21.91
C GLN B 143 -13.07 -27.85 -20.95
N MET B 144 -13.41 -27.79 -19.67
CA MET B 144 -12.48 -27.21 -18.71
C MET B 144 -11.24 -28.06 -18.59
N ALA B 145 -11.41 -29.37 -18.68
CA ALA B 145 -10.25 -30.28 -18.63
C ALA B 145 -9.33 -30.09 -19.83
N LYS B 146 -9.90 -29.80 -21.00
CA LYS B 146 -9.09 -29.53 -22.18
C LYS B 146 -8.27 -28.24 -22.01
N TYR B 147 -8.88 -27.20 -21.44
CA TYR B 147 -8.13 -25.97 -21.21
C TYR B 147 -7.04 -26.16 -20.15
N GLU B 148 -7.35 -26.96 -19.11
CA GLU B 148 -6.36 -27.30 -18.07
C GLU B 148 -5.19 -28.06 -18.66
N LYS B 149 -5.50 -29.04 -19.51
CA LYS B 149 -4.45 -29.85 -20.15
C LYS B 149 -3.57 -29.02 -21.06
N ALA B 150 -4.19 -28.09 -21.78
CA ALA B 150 -3.49 -27.25 -22.76
C ALA B 150 -2.42 -26.39 -22.09
N LEU B 151 -2.69 -25.97 -20.85
CA LEU B 151 -1.74 -25.13 -20.09
C LEU B 151 -0.76 -25.92 -19.25
N SER B 152 -1.14 -27.12 -18.85
CA SER B 152 -0.32 -27.89 -17.93
C SER B 152 0.98 -28.34 -18.60
N GLY B 153 2.09 -28.17 -17.89
CA GLY B 153 3.40 -28.56 -18.41
C GLY B 153 4.14 -27.37 -18.96
N LYS B 154 3.40 -26.29 -19.23
CA LYS B 154 4.03 -25.06 -19.74
C LYS B 154 4.66 -24.30 -18.61
N GLU B 155 5.76 -23.63 -18.90
CA GLU B 155 6.45 -22.83 -17.90
C GLU B 155 6.02 -21.37 -18.03
N VAL B 156 5.93 -20.68 -16.90
CA VAL B 156 5.71 -19.23 -16.90
C VAL B 156 6.75 -18.61 -15.97
N HIS B 157 7.10 -17.37 -16.22
CA HIS B 157 8.04 -16.68 -15.34
C HIS B 157 7.30 -16.17 -14.14
N TYR B 158 7.98 -16.15 -13.01
CA TYR B 158 7.40 -15.58 -11.82
C TYR B 158 8.52 -15.10 -10.91
N LEU B 159 8.16 -14.37 -9.87
CA LEU B 159 9.12 -13.90 -8.86
C LEU B 159 8.83 -14.68 -7.58
N PRO B 160 9.75 -15.56 -7.16
CA PRO B 160 9.52 -16.30 -5.93
C PRO B 160 9.45 -15.30 -4.76
N LYS B 161 8.59 -15.60 -3.78
CA LYS B 161 8.36 -14.67 -2.67
C LYS B 161 9.62 -14.33 -1.88
N ASP B 162 10.59 -15.24 -1.84
CA ASP B 162 11.84 -14.99 -1.11
C ASP B 162 12.73 -13.96 -1.81
N LYS B 163 12.34 -13.58 -3.02
CA LYS B 163 13.05 -12.55 -3.79
C LYS B 163 12.33 -11.21 -3.80
N LEU B 164 11.25 -11.10 -3.05
CA LEU B 164 10.51 -9.85 -2.93
C LEU B 164 10.65 -9.23 -1.56
N GLU B 165 11.16 -8.01 -1.53
CA GLU B 165 11.30 -7.25 -0.29
C GLU B 165 10.14 -6.28 -0.08
N PRO B 166 9.96 -5.78 1.16
CA PRO B 166 8.92 -4.80 1.43
C PRO B 166 8.94 -3.60 0.48
N ASP B 167 10.14 -3.17 0.07
CA ASP B 167 10.31 -2.01 -0.82
C ASP B 167 10.09 -2.31 -2.30
N GLY B 168 9.72 -3.54 -2.61
CA GLY B 168 9.44 -3.94 -3.98
C GLY B 168 10.69 -3.96 -4.83
N LEU B 169 10.51 -3.74 -6.12
CA LEU B 169 11.61 -3.71 -7.10
C LEU B 169 11.35 -2.63 -8.13
N PRO B 170 12.42 -2.05 -8.74
CA PRO B 170 12.22 -0.91 -9.64
C PRO B 170 11.40 -1.24 -10.89
N TRP B 171 11.31 -2.53 -11.22
CA TRP B 171 10.50 -2.96 -12.37
C TRP B 171 9.08 -3.33 -12.01
N ILE B 172 8.73 -3.20 -10.74
CA ILE B 172 7.33 -3.33 -10.32
C ILE B 172 6.84 -1.91 -10.04
N LYS B 173 5.83 -1.49 -10.79
CA LYS B 173 5.36 -0.10 -10.77
C LYS B 173 3.94 0.03 -10.27
N ASN B 174 3.63 1.24 -9.78
CA ASN B 174 2.26 1.58 -9.40
C ASN B 174 1.36 1.22 -10.57
N GLY B 175 0.25 0.57 -10.27
CA GLY B 175 -0.71 0.23 -11.32
C GLY B 175 -0.47 -1.11 -12.03
N ASP B 176 0.67 -1.77 -11.80
CA ASP B 176 0.89 -3.13 -12.34
C ASP B 176 -0.13 -4.09 -11.74
N ILE B 177 -0.57 -5.05 -12.53
CA ILE B 177 -1.42 -6.13 -12.02
C ILE B 177 -0.55 -7.23 -11.42
N ILE B 178 -0.88 -7.65 -10.21
CA ILE B 178 -0.09 -8.66 -9.51
C ILE B 178 -0.98 -9.89 -9.34
N ALA B 179 -0.50 -11.04 -9.81
CA ALA B 179 -1.14 -12.34 -9.58
C ALA B 179 -0.31 -13.11 -8.57
N LEU B 180 -0.95 -13.51 -7.47
CA LEU B 180 -0.24 -14.24 -6.43
C LEU B 180 -0.25 -15.73 -6.75
N THR B 181 0.92 -16.30 -6.98
CA THR B 181 0.99 -17.69 -7.42
C THR B 181 0.85 -18.61 -6.22
N THR B 182 0.37 -19.82 -6.45
CA THR B 182 0.04 -20.72 -5.35
C THR B 182 0.58 -22.12 -5.62
N ASN B 183 0.82 -22.86 -4.54
CA ASN B 183 1.20 -24.27 -4.66
C ASN B 183 0.05 -25.22 -4.36
N THR B 184 -1.15 -24.68 -4.15
CA THR B 184 -2.35 -25.50 -3.96
C THR B 184 -2.49 -26.46 -5.17
N PRO B 185 -2.54 -27.79 -4.92
CA PRO B 185 -2.65 -28.74 -6.03
C PRO B 185 -3.78 -28.42 -7.02
N GLY B 186 -3.45 -28.38 -8.32
CA GLY B 186 -4.44 -28.15 -9.39
C GLY B 186 -4.69 -26.69 -9.75
N LEU B 187 -4.03 -25.80 -8.99
CA LEU B 187 -4.21 -24.36 -9.13
C LEU B 187 -2.92 -23.65 -9.56
N ASP B 188 -3.08 -22.45 -10.12
CA ASP B 188 -1.96 -21.63 -10.58
C ASP B 188 -1.79 -20.36 -9.76
N VAL B 189 -2.91 -19.71 -9.52
CA VAL B 189 -2.94 -18.37 -8.91
C VAL B 189 -4.06 -18.36 -7.89
N SER B 190 -3.83 -17.80 -6.71
CA SER B 190 -4.88 -17.79 -5.70
C SER B 190 -5.69 -16.50 -5.71
N HIS B 191 -5.05 -15.37 -5.98
CA HIS B 191 -5.80 -14.16 -6.32
C HIS B 191 -4.92 -13.09 -6.94
N MET B 192 -5.54 -11.96 -7.30
CA MET B 192 -4.87 -10.89 -8.03
C MET B 192 -5.14 -9.57 -7.32
N GLY B 193 -4.36 -8.56 -7.68
CA GLY B 193 -4.67 -7.20 -7.25
C GLY B 193 -3.78 -6.26 -8.00
N ILE B 194 -3.63 -5.04 -7.48
CA ILE B 194 -2.92 -3.96 -8.19
C ILE B 194 -1.80 -3.41 -7.29
N ALA B 195 -0.60 -3.25 -7.83
CA ALA B 195 0.53 -2.72 -7.06
C ALA B 195 0.34 -1.25 -6.71
N ILE B 196 0.66 -0.89 -5.46
CA ILE B 196 0.68 0.53 -5.05
C ILE B 196 1.77 0.69 -4.01
N TYR B 197 2.61 1.72 -4.16
CA TYR B 197 3.67 2.01 -3.18
C TYR B 197 3.13 3.01 -2.17
N ILE B 198 3.13 2.61 -0.91
CA ILE B 198 2.65 3.42 0.19
C ILE B 198 3.85 3.68 1.09
N LYS B 199 4.21 4.94 1.27
CA LYS B 199 5.39 5.28 2.08
C LYS B 199 6.61 4.42 1.67
N GLY B 200 6.75 4.19 0.36
CA GLY B 200 7.94 3.51 -0.18
C GLY B 200 7.87 1.99 -0.18
N GLN B 201 6.83 1.43 0.42
CA GLN B 201 6.67 -0.03 0.50
C GLN B 201 5.67 -0.47 -0.56
N LEU B 202 5.90 -1.62 -1.17
CA LEU B 202 4.98 -2.18 -2.14
C LEU B 202 3.84 -2.90 -1.42
N HIS B 203 2.62 -2.38 -1.61
CA HIS B 203 1.38 -2.95 -1.08
C HIS B 203 0.52 -3.46 -2.25
N LEU B 204 -0.47 -4.27 -1.92
CA LEU B 204 -1.48 -4.73 -2.86
C LEU B 204 -2.83 -4.07 -2.65
N LEU B 205 -3.35 -3.46 -3.70
CA LEU B 205 -4.73 -2.96 -3.71
C LEU B 205 -5.57 -4.12 -4.25
N HIS B 206 -6.55 -4.61 -3.50
CA HIS B 206 -7.27 -5.85 -3.90
C HIS B 206 -8.63 -5.98 -3.25
N ALA B 207 -9.51 -6.80 -3.85
CA ALA B 207 -10.79 -7.09 -3.20
C ALA B 207 -10.51 -8.15 -2.15
N SER B 208 -10.76 -7.82 -0.89
CA SER B 208 -10.45 -8.71 0.21
C SER B 208 -11.71 -9.30 0.84
N SER B 209 -11.84 -10.63 0.78
CA SER B 209 -12.91 -11.32 1.52
C SER B 209 -12.75 -11.16 3.04
N LYS B 210 -11.50 -11.04 3.49
CA LYS B 210 -11.25 -10.90 4.92
C LYS B 210 -11.71 -9.54 5.46
N GLU B 211 -11.54 -8.50 4.65
CA GLU B 211 -11.96 -7.14 5.05
C GLU B 211 -13.33 -6.82 4.53
N GLY B 212 -13.85 -7.69 3.64
CA GLY B 212 -15.20 -7.51 3.10
C GLY B 212 -15.34 -6.40 2.07
N LYS B 213 -14.22 -5.95 1.51
CA LYS B 213 -14.24 -4.81 0.58
C LYS B 213 -12.90 -4.66 -0.10
N VAL B 214 -12.86 -3.78 -1.10
CA VAL B 214 -11.59 -3.38 -1.72
C VAL B 214 -10.78 -2.51 -0.78
N VAL B 215 -9.54 -2.95 -0.56
CA VAL B 215 -8.59 -2.27 0.35
C VAL B 215 -7.21 -2.18 -0.26
N VAL B 216 -6.45 -1.20 0.24
CA VAL B 216 -5.00 -1.27 0.16
C VAL B 216 -4.57 -2.11 1.35
N GLY B 217 -3.83 -3.18 1.10
CA GLY B 217 -3.44 -4.08 2.19
C GLY B 217 -2.73 -3.35 3.34
N LYS B 218 -3.00 -3.78 4.57
CA LYS B 218 -2.37 -3.19 5.76
C LYS B 218 -0.85 -3.36 5.77
N THR B 219 -0.36 -4.47 5.23
CA THR B 219 1.08 -4.75 5.29
C THR B 219 1.66 -4.78 3.89
N ALA B 220 2.99 -4.79 3.80
CA ALA B 220 3.67 -4.94 2.52
C ALA B 220 3.26 -6.26 1.88
N LEU B 221 3.21 -6.26 0.54
CA LEU B 221 2.97 -7.46 -0.22
C LEU B 221 3.93 -8.60 0.16
N SER B 222 5.22 -8.31 0.36
CA SER B 222 6.18 -9.36 0.74
C SER B 222 5.76 -10.08 2.03
N GLN B 223 5.16 -9.33 2.97
CA GLN B 223 4.68 -9.90 4.23
C GLN B 223 3.44 -10.77 4.05
N MET B 224 2.46 -10.29 3.25
CA MET B 224 1.29 -11.08 2.86
C MET B 224 1.72 -12.43 2.29
N LEU B 225 2.71 -12.41 1.40
CA LEU B 225 3.16 -13.63 0.76
C LEU B 225 3.85 -14.55 1.76
N LYS B 226 4.77 -13.99 2.52
CA LYS B 226 5.61 -14.80 3.41
C LYS B 226 4.81 -15.42 4.55
N ASP B 227 3.67 -14.81 4.89
CA ASP B 227 2.78 -15.28 5.95
C ASP B 227 1.92 -16.48 5.57
N ARG B 228 1.76 -16.76 4.29
CA ARG B 228 0.89 -17.85 3.84
C ARG B 228 1.69 -18.92 3.12
N LYS B 229 1.65 -20.15 3.64
CA LYS B 229 2.46 -21.24 3.07
C LYS B 229 2.01 -21.68 1.66
N SER B 230 0.74 -21.44 1.34
CA SER B 230 0.21 -21.76 0.02
C SER B 230 0.63 -20.76 -1.06
N LEU B 231 1.13 -19.60 -0.66
CA LEU B 231 1.53 -18.58 -1.62
C LEU B 231 3.01 -18.73 -1.93
N THR B 232 3.35 -18.70 -3.23
CA THR B 232 4.72 -18.98 -3.66
C THR B 232 5.49 -17.79 -4.28
N GLY B 233 4.75 -16.77 -4.71
CA GLY B 233 5.40 -15.67 -5.44
C GLY B 233 4.38 -14.88 -6.20
N ILE B 234 4.85 -14.16 -7.21
CA ILE B 234 3.96 -13.30 -8.00
C ILE B 234 4.27 -13.32 -9.50
N ARG B 235 3.25 -13.06 -10.31
CA ARG B 235 3.46 -12.67 -11.70
C ARG B 235 3.03 -11.21 -11.77
N VAL B 236 3.71 -10.44 -12.61
CA VAL B 236 3.51 -9.01 -12.72
C VAL B 236 3.15 -8.67 -14.16
N LEU B 237 2.02 -7.99 -14.35
CA LEU B 237 1.52 -7.63 -15.66
C LEU B 237 1.29 -6.13 -15.70
N ARG B 238 1.34 -5.54 -16.89
CA ARG B 238 1.22 -4.11 -17.03
C ARG B 238 0.37 -3.76 -18.26
N MET B 239 -0.54 -2.79 -18.10
CA MET B 239 -1.39 -2.33 -19.22
C MET B 239 -0.54 -1.76 -20.39
#